data_7CPH
#
_entry.id   7CPH
#
_cell.length_a   38.530
_cell.length_b   41.250
_cell.length_c   202.080
_cell.angle_alpha   90.000
_cell.angle_beta   90.000
_cell.angle_gamma   90.000
#
_symmetry.space_group_name_H-M   'P 21 21 21'
#
loop_
_entity.id
_entity.type
_entity.pdbx_description
1 polymer 'tRNA-specific adenosine deaminase'
2 non-polymer 'ZINC ION'
3 non-polymer GLYCEROL
4 water water
#
_entity_poly.entity_id   1
_entity_poly.type   'polypeptide(L)'
_entity_poly.pdbx_seq_one_letter_code
;LYFQGSMTQDELYMKEAIKEAKKAEEKGEVPIGAVLVINGEIIARAHNLRETEQRSIAHAEMLVIDEACKALGTWRLEGA
TLYVTLEPCPMCAGAVVLSRVEKVVFGAFDPKGGCSGTLMNLLQEERFNHQAEVVSGVLEEECGGMLSAFFRELRKKKKA
ARKNLSE
;
_entity_poly.pdbx_strand_id   A,B
#
loop_
_chem_comp.id
_chem_comp.type
_chem_comp.name
_chem_comp.formula
GOL non-polymer GLYCEROL 'C3 H8 O3'
ZN non-polymer 'ZINC ION' 'Zn 2'
#
# COMPACT_ATOMS: atom_id res chain seq x y z
N MET A 7 13.15 30.90 -4.54
CA MET A 7 12.75 29.48 -4.48
C MET A 7 12.05 28.94 -5.73
N THR A 8 12.49 27.77 -6.19
CA THR A 8 11.98 27.20 -7.43
C THR A 8 10.54 26.69 -7.26
N GLN A 9 9.97 26.22 -8.36
CA GLN A 9 8.59 25.74 -8.36
C GLN A 9 8.43 24.53 -7.44
N ASP A 10 9.35 23.55 -7.57
CA ASP A 10 9.28 22.36 -6.72
C ASP A 10 9.40 22.73 -5.25
N GLU A 11 10.34 23.62 -4.91
CA GLU A 11 10.49 24.06 -3.53
C GLU A 11 9.24 24.76 -3.04
N LEU A 12 8.60 25.57 -3.89
CA LEU A 12 7.36 26.23 -3.48
C LEU A 12 6.32 25.20 -3.03
N TYR A 13 6.10 24.16 -3.83
CA TYR A 13 5.12 23.14 -3.48
C TYR A 13 5.57 22.30 -2.29
N MET A 14 6.88 22.05 -2.17
CA MET A 14 7.36 21.31 -1.00
C MET A 14 7.13 22.09 0.29
N LYS A 15 7.10 23.43 0.20
CA LYS A 15 6.77 24.26 1.36
C LYS A 15 5.34 24.00 1.85
N GLU A 16 4.42 23.70 0.94
CA GLU A 16 3.06 23.36 1.36
C GLU A 16 3.01 21.97 1.97
N ALA A 17 3.78 21.03 1.42
CA ALA A 17 3.89 19.72 2.05
C ALA A 17 4.53 19.84 3.43
N ILE A 18 5.49 20.75 3.58
CA ILE A 18 6.12 21.01 4.88
C ILE A 18 5.09 21.54 5.86
N LYS A 19 4.23 22.47 5.42
CA LYS A 19 3.13 22.93 6.26
C LYS A 19 2.26 21.77 6.74
N GLU A 20 1.95 20.84 5.83
CA GLU A 20 1.24 19.63 6.23
C GLU A 20 2.03 18.84 7.27
N ALA A 21 3.35 18.71 7.08
CA ALA A 21 4.15 17.96 8.04
C ALA A 21 4.08 18.57 9.43
N LYS A 22 3.96 19.92 9.51
CA LYS A 22 3.85 20.60 10.79
C LYS A 22 2.48 20.42 11.44
N LYS A 23 1.42 20.29 10.64
CA LYS A 23 0.12 19.91 11.21
C LYS A 23 0.18 18.54 11.87
N ALA A 24 1.01 17.64 11.34
CA ALA A 24 1.12 16.31 11.95
C ALA A 24 1.90 16.37 13.25
N GLU A 25 3.00 17.13 13.27
CA GLU A 25 3.73 17.37 14.50
C GLU A 25 2.82 17.99 15.57
N GLU A 26 1.95 18.93 15.18
CA GLU A 26 0.99 19.51 16.13
C GLU A 26 0.19 18.42 16.84
N LYS A 27 -0.21 17.38 16.11
CA LYS A 27 -0.91 16.23 16.66
C LYS A 27 0.02 15.17 17.23
N GLY A 28 1.32 15.43 17.32
CA GLY A 28 2.21 14.42 17.89
C GLY A 28 2.52 13.26 16.98
N GLU A 29 2.29 13.39 15.68
CA GLU A 29 2.69 12.42 14.67
C GLU A 29 4.08 12.74 14.17
N VAL A 30 4.74 11.72 13.63
CA VAL A 30 5.93 11.93 12.82
C VAL A 30 5.59 12.96 11.75
N PRO A 31 6.34 14.09 11.67
CA PRO A 31 5.99 15.17 10.73
C PRO A 31 6.35 14.86 9.29
N ILE A 32 5.43 14.22 8.57
CA ILE A 32 5.61 13.89 7.17
C ILE A 32 4.36 14.38 6.45
N GLY A 33 4.56 15.17 5.40
CA GLY A 33 3.46 15.83 4.72
C GLY A 33 3.52 15.62 3.22
N ALA A 34 2.38 15.83 2.58
CA ALA A 34 2.28 15.58 1.14
C ALA A 34 1.20 16.46 0.54
N VAL A 35 1.43 16.86 -0.72
CA VAL A 35 0.43 17.54 -1.54
C VAL A 35 0.48 16.91 -2.90
N LEU A 36 -0.64 16.98 -3.59
CA LEU A 36 -0.82 16.38 -4.91
C LEU A 36 -1.23 17.51 -5.84
N VAL A 37 -0.46 17.70 -6.92
CA VAL A 37 -0.62 18.85 -7.79
C VAL A 37 -0.90 18.38 -9.20
N ILE A 38 -1.91 18.99 -9.83
CA ILE A 38 -2.19 18.80 -11.25
C ILE A 38 -2.37 20.17 -11.89
N ASN A 39 -1.57 20.46 -12.91
CA ASN A 39 -1.68 21.71 -13.67
C ASN A 39 -1.55 22.94 -12.76
N GLY A 40 -0.67 22.84 -11.76
CA GLY A 40 -0.39 23.95 -10.88
C GLY A 40 -1.32 24.09 -9.69
N GLU A 41 -2.40 23.31 -9.60
CA GLU A 41 -3.33 23.38 -8.48
C GLU A 41 -3.12 22.21 -7.52
N ILE A 42 -3.04 22.51 -6.24
CA ILE A 42 -2.98 21.51 -5.18
C ILE A 42 -4.37 20.91 -5.03
N ILE A 43 -4.58 19.71 -5.56
CA ILE A 43 -5.92 19.17 -5.50
C ILE A 43 -6.14 18.33 -4.25
N ALA A 44 -5.07 17.96 -3.53
CA ALA A 44 -5.20 17.27 -2.25
C ALA A 44 -3.95 17.55 -1.43
N ARG A 45 -4.12 17.57 -0.11
CA ARG A 45 -2.99 17.71 0.79
C ARG A 45 -3.32 16.90 2.04
N ALA A 46 -2.27 16.38 2.69
CA ALA A 46 -2.45 15.39 3.74
C ALA A 46 -1.15 15.23 4.51
N HIS A 47 -1.26 14.61 5.67
CA HIS A 47 -0.10 14.39 6.53
C HIS A 47 -0.30 13.08 7.28
N ASN A 48 0.80 12.59 7.85
CA ASN A 48 0.80 11.31 8.54
C ASN A 48 -0.22 11.28 9.67
N LEU A 49 -1.05 10.23 9.68
CA LEU A 49 -2.08 10.06 10.71
C LEU A 49 -2.03 8.68 11.35
N ARG A 50 -0.87 7.99 11.29
CA ARG A 50 -0.82 6.60 11.73
C ARG A 50 -1.20 6.44 13.20
N GLU A 51 -0.91 7.43 14.05
CA GLU A 51 -1.17 7.21 15.46
C GLU A 51 -2.48 7.83 15.93
N THR A 52 -2.86 8.99 15.38
CA THR A 52 -4.17 9.54 15.70
C THR A 52 -5.28 8.61 15.25
N GLU A 53 -5.15 8.02 14.04
CA GLU A 53 -6.20 7.16 13.52
C GLU A 53 -5.88 5.68 13.70
N GLN A 54 -4.68 5.33 14.19
CA GLN A 54 -4.27 3.94 14.43
C GLN A 54 -4.49 3.07 13.21
N ARG A 55 -4.14 3.61 12.04
CA ARG A 55 -4.19 2.89 10.78
C ARG A 55 -2.78 2.83 10.21
N SER A 56 -2.30 1.60 9.98
CA SER A 56 -0.97 1.43 9.43
C SER A 56 -0.85 2.03 8.05
N ILE A 57 -1.98 2.23 7.37
CA ILE A 57 -2.02 2.70 5.99
C ILE A 57 -2.04 4.21 5.87
N ALA A 58 -2.29 4.94 6.97
CA ALA A 58 -2.48 6.39 6.92
C ALA A 58 -1.13 7.14 6.86
N HIS A 59 -0.34 6.78 5.84
CA HIS A 59 0.81 7.58 5.45
C HIS A 59 0.35 8.78 4.65
N ALA A 60 1.13 9.85 4.68
CA ALA A 60 0.74 11.07 3.98
C ALA A 60 0.51 10.81 2.49
N GLU A 61 1.33 9.96 1.86
CA GLU A 61 1.18 9.76 0.42
C GLU A 61 -0.11 8.99 0.09
N MET A 62 -0.47 8.01 0.91
CA MET A 62 -1.70 7.24 0.68
C MET A 62 -2.93 8.09 0.87
N LEU A 63 -2.94 8.96 1.89
CA LEU A 63 -4.11 9.80 2.15
C LEU A 63 -4.32 10.77 0.99
N VAL A 64 -3.25 11.46 0.58
CA VAL A 64 -3.38 12.45 -0.47
C VAL A 64 -3.79 11.78 -1.78
N ILE A 65 -3.27 10.59 -2.05
CA ILE A 65 -3.64 9.89 -3.27
C ILE A 65 -5.11 9.52 -3.23
N ASP A 66 -5.56 8.95 -2.12
CA ASP A 66 -6.95 8.54 -2.03
C ASP A 66 -7.87 9.77 -2.07
N GLU A 67 -7.46 10.86 -1.43
CA GLU A 67 -8.27 12.07 -1.53
C GLU A 67 -8.28 12.59 -2.96
N ALA A 68 -7.13 12.57 -3.64
CA ALA A 68 -7.11 12.95 -5.05
C ALA A 68 -8.09 12.10 -5.86
N CYS A 69 -8.02 10.78 -5.70
CA CYS A 69 -8.90 9.89 -6.46
C CYS A 69 -10.36 10.20 -6.16
N LYS A 70 -10.66 10.45 -4.89
CA LYS A 70 -12.04 10.73 -4.50
C LYS A 70 -12.48 12.11 -4.98
N ALA A 71 -11.60 13.12 -4.86
CA ALA A 71 -11.94 14.46 -5.33
C ALA A 71 -12.12 14.50 -6.83
N LEU A 72 -11.46 13.60 -7.57
CA LEU A 72 -11.48 13.64 -9.02
C LEU A 72 -12.34 12.55 -9.64
N GLY A 73 -12.81 11.57 -8.86
CA GLY A 73 -13.62 10.51 -9.43
C GLY A 73 -12.87 9.62 -10.40
N THR A 74 -11.61 9.31 -10.12
CA THR A 74 -10.81 8.47 -10.99
C THR A 74 -9.65 7.86 -10.22
N TRP A 75 -9.29 6.62 -10.58
CA TRP A 75 -8.12 6.01 -9.99
C TRP A 75 -6.84 6.46 -10.67
N ARG A 76 -6.91 6.97 -11.90
CA ARG A 76 -5.73 7.27 -12.70
C ARG A 76 -5.43 8.76 -12.60
N LEU A 77 -4.51 9.12 -11.70
CA LEU A 77 -4.13 10.52 -11.48
C LEU A 77 -3.08 10.97 -12.50
N GLU A 78 -3.43 10.85 -13.79
CA GLU A 78 -2.48 11.18 -14.85
C GLU A 78 -2.10 12.66 -14.77
N GLY A 79 -0.80 12.93 -14.91
CA GLY A 79 -0.33 14.29 -14.86
C GLY A 79 -0.16 14.87 -13.47
N ALA A 80 -0.32 14.06 -12.43
CA ALA A 80 -0.15 14.55 -11.06
C ALA A 80 1.31 14.51 -10.65
N THR A 81 1.72 15.53 -9.91
CA THR A 81 3.00 15.51 -9.22
C THR A 81 2.72 15.39 -7.72
N LEU A 82 3.31 14.38 -7.09
CA LEU A 82 3.22 14.21 -5.64
C LEU A 82 4.46 14.83 -5.01
N TYR A 83 4.24 15.80 -4.14
CA TYR A 83 5.27 16.35 -3.28
C TYR A 83 5.09 15.75 -1.90
N VAL A 84 6.15 15.17 -1.35
CA VAL A 84 6.13 14.59 -0.01
C VAL A 84 7.45 14.94 0.67
N THR A 85 7.40 15.21 1.98
CA THR A 85 8.63 15.62 2.66
C THR A 85 9.65 14.49 2.81
N LEU A 86 9.23 13.23 2.73
CA LEU A 86 10.15 12.12 2.91
C LEU A 86 9.97 11.10 1.79
N GLU A 87 11.07 10.43 1.46
CA GLU A 87 11.10 9.37 0.47
C GLU A 87 10.02 8.33 0.74
N PRO A 88 9.10 8.10 -0.20
CA PRO A 88 8.04 7.09 0.01
C PRO A 88 8.59 5.73 0.42
N CYS A 89 7.83 5.07 1.28
CA CYS A 89 8.03 3.67 1.65
C CYS A 89 7.53 2.81 0.50
N PRO A 90 7.72 1.48 0.56
CA PRO A 90 7.26 0.65 -0.57
C PRO A 90 5.75 0.66 -0.77
N MET A 91 4.95 0.73 0.31
CA MET A 91 3.49 0.80 0.15
C MET A 91 3.09 2.04 -0.63
N CYS A 92 3.64 3.20 -0.26
CA CYS A 92 3.28 4.44 -0.94
C CYS A 92 3.85 4.47 -2.35
N ALA A 93 5.09 3.99 -2.53
CA ALA A 93 5.65 3.93 -3.87
C ALA A 93 4.79 3.06 -4.76
N GLY A 94 4.27 1.95 -4.21
CA GLY A 94 3.33 1.12 -4.95
C GLY A 94 2.07 1.88 -5.33
N ALA A 95 1.54 2.68 -4.41
CA ALA A 95 0.34 3.45 -4.71
C ALA A 95 0.60 4.46 -5.83
N VAL A 96 1.80 5.06 -5.85
CA VAL A 96 2.15 5.99 -6.93
C VAL A 96 2.12 5.27 -8.28
N VAL A 97 2.71 4.07 -8.34
CA VAL A 97 2.70 3.29 -9.56
C VAL A 97 1.28 2.93 -9.97
N LEU A 98 0.47 2.45 -9.02
CA LEU A 98 -0.87 2.01 -9.36
C LEU A 98 -1.79 3.17 -9.74
N SER A 99 -1.53 4.38 -9.28
CA SER A 99 -2.37 5.52 -9.62
C SER A 99 -1.80 6.32 -10.78
N ARG A 100 -0.72 5.84 -11.42
CA ARG A 100 -0.11 6.48 -12.60
C ARG A 100 0.31 7.93 -12.34
N VAL A 101 0.72 8.25 -11.10
CA VAL A 101 1.24 9.59 -10.81
C VAL A 101 2.50 9.80 -11.66
N GLU A 102 2.58 10.98 -12.30
CA GLU A 102 3.63 11.21 -13.27
C GLU A 102 4.98 11.48 -12.59
N LYS A 103 4.98 12.16 -11.45
CA LYS A 103 6.24 12.63 -10.89
C LYS A 103 6.14 12.65 -9.38
N VAL A 104 7.19 12.18 -8.72
CA VAL A 104 7.30 12.24 -7.27
C VAL A 104 8.50 13.11 -6.92
N VAL A 105 8.27 14.11 -6.11
CA VAL A 105 9.31 14.99 -5.61
C VAL A 105 9.34 14.79 -4.10
N PHE A 106 10.48 14.37 -3.58
CA PHE A 106 10.56 14.27 -2.12
C PHE A 106 11.75 15.05 -1.58
N GLY A 107 11.62 15.43 -0.32
CA GLY A 107 12.67 16.15 0.38
C GLY A 107 13.80 15.24 0.84
N ALA A 108 13.68 14.70 2.05
CA ALA A 108 14.75 13.91 2.61
C ALA A 108 14.67 12.46 2.13
N PHE A 109 15.85 11.87 1.96
CA PHE A 109 15.99 10.43 1.79
C PHE A 109 15.72 9.71 3.12
N ASP A 110 15.27 8.45 3.02
CA ASP A 110 15.02 7.60 4.19
C ASP A 110 16.00 6.45 4.10
N PRO A 111 17.19 6.57 4.68
CA PRO A 111 18.16 5.47 4.57
C PRO A 111 17.68 4.18 5.18
N LYS A 112 16.75 4.21 6.14
CA LYS A 112 16.25 2.98 6.73
C LYS A 112 15.23 2.30 5.83
N GLY A 113 14.24 3.04 5.33
CA GLY A 113 13.13 2.40 4.65
C GLY A 113 12.66 2.96 3.31
N GLY A 114 13.44 3.81 2.66
CA GLY A 114 12.98 4.44 1.44
C GLY A 114 13.09 3.54 0.22
N CYS A 115 12.02 3.52 -0.60
CA CYS A 115 11.97 2.68 -1.79
C CYS A 115 11.68 3.48 -3.05
N SER A 116 12.16 4.72 -3.08
CA SER A 116 12.15 5.53 -4.30
C SER A 116 13.57 6.01 -4.63
N GLY A 117 14.57 5.24 -4.21
CA GLY A 117 15.95 5.58 -4.50
C GLY A 117 16.97 4.94 -3.56
N THR A 118 16.60 4.74 -2.29
CA THR A 118 17.58 4.25 -1.32
C THR A 118 17.66 2.72 -1.32
N LEU A 119 16.76 2.04 -0.60
CA LEU A 119 16.79 0.57 -0.56
C LEU A 119 16.58 -0.04 -1.94
N MET A 120 15.90 0.68 -2.83
CA MET A 120 15.39 0.19 -4.10
C MET A 120 14.65 1.38 -4.70
N ASN A 121 14.13 1.24 -5.92
CA ASN A 121 13.34 2.31 -6.55
C ASN A 121 12.11 1.70 -7.23
N LEU A 122 11.06 1.50 -6.45
CA LEU A 122 9.80 1.01 -6.99
C LEU A 122 9.15 2.00 -7.93
N LEU A 123 9.58 3.26 -7.93
CA LEU A 123 9.05 4.28 -8.83
C LEU A 123 9.66 4.23 -10.21
N GLN A 124 10.75 3.49 -10.39
CA GLN A 124 11.46 3.38 -11.66
C GLN A 124 11.75 1.93 -11.93
N GLU A 125 10.74 1.08 -11.73
CA GLU A 125 10.83 -0.35 -11.96
C GLU A 125 10.25 -0.63 -13.35
N GLU A 126 11.13 -0.97 -14.30
CA GLU A 126 10.66 -1.11 -15.68
C GLU A 126 9.78 -2.33 -15.89
N ARG A 127 9.82 -3.31 -14.98
CA ARG A 127 8.92 -4.46 -15.10
C ARG A 127 7.49 -4.14 -14.67
N PHE A 128 7.26 -2.97 -14.09
CA PHE A 128 5.91 -2.52 -13.78
C PHE A 128 5.30 -1.86 -15.01
N ASN A 129 3.97 -1.68 -14.97
CA ASN A 129 3.30 -1.05 -16.10
C ASN A 129 3.33 0.48 -16.03
N HIS A 130 4.13 1.07 -15.15
CA HIS A 130 4.21 2.52 -15.02
C HIS A 130 5.44 2.90 -14.21
N GLN A 131 6.09 3.98 -14.64
CA GLN A 131 7.22 4.55 -13.92
C GLN A 131 6.99 6.04 -13.77
N ALA A 132 7.44 6.58 -12.63
CA ALA A 132 7.29 8.01 -12.35
C ALA A 132 8.66 8.68 -12.34
N GLU A 133 8.74 9.86 -12.92
CA GLU A 133 9.85 10.76 -12.67
C GLU A 133 10.06 10.92 -11.18
N VAL A 134 11.33 10.98 -10.75
CA VAL A 134 11.67 11.11 -9.34
C VAL A 134 12.65 12.25 -9.14
N VAL A 135 12.29 13.23 -8.32
CA VAL A 135 13.16 14.35 -7.97
C VAL A 135 13.39 14.29 -6.47
N SER A 136 14.65 14.26 -6.05
CA SER A 136 14.98 14.10 -4.65
C SER A 136 15.64 15.34 -4.06
N GLY A 137 15.70 15.38 -2.73
CA GLY A 137 16.46 16.39 -2.03
C GLY A 137 15.92 17.79 -2.11
N VAL A 138 14.65 17.95 -2.43
CA VAL A 138 14.09 19.29 -2.53
C VAL A 138 13.77 19.77 -1.13
N LEU A 139 14.47 20.84 -0.69
CA LEU A 139 14.45 21.31 0.70
C LEU A 139 14.84 20.18 1.66
N GLU A 140 15.92 19.48 1.32
CA GLU A 140 16.29 18.29 2.06
C GLU A 140 16.61 18.60 3.52
N GLU A 141 17.35 19.69 3.79
CA GLU A 141 17.78 19.98 5.15
C GLU A 141 16.61 20.31 6.05
N GLU A 142 15.63 21.05 5.53
CA GLU A 142 14.44 21.33 6.33
C GLU A 142 13.63 20.06 6.56
N CYS A 143 13.41 19.28 5.50
CA CYS A 143 12.56 18.11 5.60
C CYS A 143 13.17 17.06 6.54
N GLY A 144 14.47 16.82 6.42
CA GLY A 144 15.10 15.83 7.27
C GLY A 144 15.30 16.33 8.69
N GLY A 145 15.67 17.61 8.84
CA GLY A 145 15.87 18.15 10.17
C GLY A 145 14.61 18.16 11.01
N MET A 146 13.48 18.43 10.37
CA MET A 146 12.17 18.33 11.00
C MET A 146 11.98 16.96 11.66
N LEU A 147 12.33 15.89 10.96
CA LEU A 147 12.15 14.56 11.55
C LEU A 147 13.10 14.35 12.73
N SER A 148 14.35 14.76 12.58
CA SER A 148 15.31 14.63 13.68
C SER A 148 14.87 15.38 14.92
N ALA A 149 14.39 16.62 14.76
CA ALA A 149 14.00 17.40 15.93
C ALA A 149 12.76 16.83 16.59
N PHE A 150 11.84 16.27 15.78
CA PHE A 150 10.66 15.63 16.36
C PHE A 150 11.08 14.52 17.32
N PHE A 151 11.94 13.60 16.87
CA PHE A 151 12.34 12.46 17.68
C PHE A 151 13.21 12.90 18.84
N ARG A 152 14.06 13.91 18.62
CA ARG A 152 14.87 14.45 19.70
C ARG A 152 13.99 15.08 20.77
N GLU A 153 12.95 15.83 20.35
CA GLU A 153 12.00 16.36 21.33
C GLU A 153 11.23 15.24 22.03
N LEU A 154 10.94 14.15 21.32
CA LEU A 154 10.18 13.05 21.91
C LEU A 154 10.91 12.46 23.11
N ARG A 155 12.19 12.11 22.94
CA ARG A 155 12.97 11.56 24.05
C ARG A 155 12.99 12.53 25.22
N LYS A 156 13.10 13.83 24.93
CA LYS A 156 13.12 14.84 25.98
C LYS A 156 11.97 14.62 26.96
N LYS A 157 10.75 14.50 26.42
CA LYS A 157 9.59 14.10 27.22
C LYS A 157 9.77 12.67 27.75
N LYS A 158 10.21 12.58 29.00
CA LYS A 158 10.41 11.29 29.66
C LYS A 158 9.92 11.40 31.11
N LEU B 1 -9.81 -45.70 7.81
CA LEU B 1 -10.73 -45.91 8.93
C LEU B 1 -11.99 -45.05 8.79
N TYR B 2 -11.85 -43.86 8.20
CA TYR B 2 -12.94 -42.90 8.07
C TYR B 2 -13.30 -42.67 6.60
N PHE B 3 -14.58 -42.53 6.35
CA PHE B 3 -15.06 -42.32 4.99
C PHE B 3 -14.84 -40.89 4.52
N GLN B 4 -15.04 -39.92 5.40
CA GLN B 4 -14.97 -38.51 5.02
C GLN B 4 -13.54 -38.01 5.04
N GLY B 5 -13.34 -36.83 4.42
CA GLY B 5 -12.08 -36.14 4.46
C GLY B 5 -12.27 -34.65 4.67
N SER B 6 -11.24 -33.88 4.37
CA SER B 6 -11.29 -32.46 4.71
C SER B 6 -10.25 -31.70 3.91
N MET B 7 -10.48 -30.41 3.80
CA MET B 7 -9.52 -29.41 3.39
C MET B 7 -8.66 -29.02 4.58
N THR B 8 -7.46 -28.52 4.31
CA THR B 8 -6.70 -27.92 5.39
C THR B 8 -7.38 -26.62 5.83
N GLN B 9 -7.05 -26.20 7.05
CA GLN B 9 -7.51 -24.89 7.51
C GLN B 9 -7.19 -23.80 6.50
N ASP B 10 -5.94 -23.77 6.01
CA ASP B 10 -5.53 -22.71 5.09
C ASP B 10 -6.40 -22.68 3.83
N GLU B 11 -6.74 -23.84 3.27
CA GLU B 11 -7.55 -23.77 2.06
C GLU B 11 -9.02 -23.53 2.36
N LEU B 12 -9.48 -23.80 3.58
CA LEU B 12 -10.81 -23.35 3.95
C LEU B 12 -10.89 -21.82 3.98
N TYR B 13 -9.91 -21.17 4.62
CA TYR B 13 -9.85 -19.71 4.59
C TYR B 13 -9.67 -19.20 3.17
N MET B 14 -8.84 -19.87 2.38
CA MET B 14 -8.58 -19.40 1.03
C MET B 14 -9.86 -19.43 0.21
N LYS B 15 -10.76 -20.36 0.49
CA LYS B 15 -11.97 -20.45 -0.31
C LYS B 15 -13.01 -19.41 0.09
N GLU B 16 -12.90 -18.83 1.28
CA GLU B 16 -13.61 -17.59 1.56
C GLU B 16 -13.01 -16.42 0.80
N ALA B 17 -11.68 -16.39 0.63
CA ALA B 17 -11.07 -15.38 -0.21
C ALA B 17 -11.50 -15.55 -1.67
N ILE B 18 -11.68 -16.80 -2.10
CA ILE B 18 -12.18 -17.05 -3.45
C ILE B 18 -13.61 -16.55 -3.58
N LYS B 19 -14.42 -16.75 -2.55
CA LYS B 19 -15.79 -16.25 -2.60
C LYS B 19 -15.80 -14.74 -2.80
N GLU B 20 -14.92 -14.02 -2.09
CA GLU B 20 -14.81 -12.58 -2.27
C GLU B 20 -14.35 -12.23 -3.69
N ALA B 21 -13.40 -12.99 -4.25
CA ALA B 21 -12.96 -12.77 -5.62
C ALA B 21 -14.09 -12.99 -6.61
N LYS B 22 -15.05 -13.87 -6.30
CA LYS B 22 -16.17 -14.07 -7.20
C LYS B 22 -17.09 -12.84 -7.23
N LYS B 23 -17.32 -12.24 -6.07
CA LYS B 23 -18.04 -10.96 -6.03
C LYS B 23 -17.36 -9.93 -6.92
N ALA B 24 -16.02 -9.85 -6.82
CA ALA B 24 -15.30 -8.91 -7.67
C ALA B 24 -15.48 -9.25 -9.13
N GLU B 25 -15.54 -10.55 -9.43
CA GLU B 25 -15.73 -11.01 -10.80
C GLU B 25 -17.04 -10.50 -11.39
N GLU B 26 -18.15 -10.69 -10.66
CA GLU B 26 -19.44 -10.28 -11.18
C GLU B 26 -19.62 -8.77 -11.23
N LYS B 27 -18.80 -8.00 -10.52
CA LYS B 27 -18.77 -6.55 -10.71
C LYS B 27 -17.82 -6.11 -11.81
N GLY B 28 -17.22 -7.04 -12.54
CA GLY B 28 -16.34 -6.66 -13.63
C GLY B 28 -14.94 -6.24 -13.23
N GLU B 29 -14.54 -6.47 -11.98
CA GLU B 29 -13.21 -6.17 -11.49
C GLU B 29 -12.26 -7.33 -11.76
N VAL B 30 -10.96 -7.05 -11.59
CA VAL B 30 -10.00 -8.14 -11.48
C VAL B 30 -10.41 -9.01 -10.31
N PRO B 31 -10.73 -10.31 -10.53
CA PRO B 31 -11.29 -11.15 -9.45
C PRO B 31 -10.23 -11.57 -8.42
N ILE B 32 -9.91 -10.65 -7.53
CA ILE B 32 -8.99 -10.90 -6.43
C ILE B 32 -9.77 -10.72 -5.13
N GLY B 33 -9.68 -11.71 -4.25
CA GLY B 33 -10.38 -11.66 -2.98
C GLY B 33 -9.42 -11.84 -1.83
N ALA B 34 -9.85 -11.47 -0.62
CA ALA B 34 -8.93 -11.54 0.51
C ALA B 34 -9.70 -11.62 1.81
N VAL B 35 -9.18 -12.40 2.76
CA VAL B 35 -9.68 -12.42 4.12
C VAL B 35 -8.50 -12.24 5.06
N LEU B 36 -8.77 -11.63 6.20
CA LEU B 36 -7.77 -11.44 7.24
C LEU B 36 -8.26 -12.17 8.48
N VAL B 37 -7.44 -13.10 8.98
CA VAL B 37 -7.78 -13.87 10.17
C VAL B 37 -6.81 -13.50 11.30
N ILE B 38 -7.36 -13.32 12.50
CA ILE B 38 -6.59 -13.21 13.74
C ILE B 38 -7.29 -14.04 14.81
N ASN B 39 -6.50 -14.69 15.66
CA ASN B 39 -7.03 -15.43 16.79
C ASN B 39 -8.01 -16.50 16.34
N GLY B 40 -7.83 -16.99 15.11
CA GLY B 40 -8.62 -18.08 14.59
C GLY B 40 -9.92 -17.70 13.91
N GLU B 41 -10.20 -16.40 13.76
CA GLU B 41 -11.46 -15.98 13.17
C GLU B 41 -11.22 -14.94 12.08
N ILE B 42 -12.13 -14.90 11.11
CA ILE B 42 -12.07 -13.91 10.04
C ILE B 42 -12.60 -12.56 10.54
N ILE B 43 -11.71 -11.57 10.60
CA ILE B 43 -12.08 -10.23 11.02
C ILE B 43 -12.49 -9.34 9.85
N ALA B 44 -12.06 -9.65 8.65
CA ALA B 44 -12.28 -8.75 7.53
C ALA B 44 -12.21 -9.53 6.24
N ARG B 45 -13.02 -9.13 5.29
CA ARG B 45 -13.00 -9.76 3.98
C ARG B 45 -13.33 -8.70 2.94
N ALA B 46 -12.61 -8.74 1.82
CA ALA B 46 -12.86 -7.76 0.79
C ALA B 46 -12.38 -8.31 -0.54
N HIS B 47 -12.71 -7.58 -1.59
CA HIS B 47 -12.29 -7.89 -2.93
C HIS B 47 -11.92 -6.59 -3.63
N ASN B 48 -11.27 -6.75 -4.78
CA ASN B 48 -10.82 -5.63 -5.60
C ASN B 48 -11.98 -4.71 -5.94
N LEU B 49 -11.76 -3.40 -5.77
CA LEU B 49 -12.82 -2.43 -6.04
C LEU B 49 -12.32 -1.21 -6.78
N ARG B 50 -11.19 -1.31 -7.49
CA ARG B 50 -10.61 -0.14 -8.13
C ARG B 50 -11.61 0.56 -9.06
N GLU B 51 -12.29 -0.21 -9.91
CA GLU B 51 -13.23 0.39 -10.86
C GLU B 51 -14.52 0.83 -10.17
N THR B 52 -15.05 0.00 -9.26
CA THR B 52 -16.28 0.35 -8.57
C THR B 52 -16.12 1.65 -7.78
N GLU B 53 -15.02 1.80 -7.07
CA GLU B 53 -14.86 2.96 -6.23
C GLU B 53 -13.96 4.04 -6.84
N GLN B 54 -13.36 3.77 -8.00
CA GLN B 54 -12.44 4.70 -8.65
C GLN B 54 -11.38 5.18 -7.66
N ARG B 55 -10.78 4.24 -6.97
CA ARG B 55 -9.71 4.50 -6.00
C ARG B 55 -8.58 3.52 -6.29
N SER B 56 -7.39 4.05 -6.53
CA SER B 56 -6.30 3.19 -6.99
C SER B 56 -5.86 2.21 -5.91
N ILE B 57 -6.10 2.53 -4.63
CA ILE B 57 -5.62 1.74 -3.52
C ILE B 57 -6.69 0.79 -2.98
N ALA B 58 -7.84 0.68 -3.65
CA ALA B 58 -8.88 -0.27 -3.21
C ALA B 58 -8.57 -1.71 -3.61
N HIS B 59 -7.36 -2.18 -3.33
CA HIS B 59 -7.08 -3.60 -3.50
C HIS B 59 -7.60 -4.38 -2.31
N ALA B 60 -7.90 -5.66 -2.57
CA ALA B 60 -8.47 -6.52 -1.54
C ALA B 60 -7.61 -6.51 -0.27
N GLU B 61 -6.30 -6.64 -0.42
CA GLU B 61 -5.42 -6.68 0.75
C GLU B 61 -5.47 -5.36 1.51
N MET B 62 -5.53 -4.24 0.79
CA MET B 62 -5.59 -2.93 1.45
C MET B 62 -6.89 -2.78 2.22
N LEU B 63 -8.00 -3.17 1.60
CA LEU B 63 -9.31 -3.05 2.25
C LEU B 63 -9.37 -3.85 3.55
N VAL B 64 -9.00 -5.14 3.50
CA VAL B 64 -9.12 -5.96 4.71
C VAL B 64 -8.14 -5.49 5.77
N ILE B 65 -6.95 -5.05 5.37
CA ILE B 65 -5.98 -4.57 6.35
C ILE B 65 -6.50 -3.31 7.04
N ASP B 66 -7.03 -2.37 6.26
CA ASP B 66 -7.57 -1.15 6.86
C ASP B 66 -8.77 -1.45 7.76
N GLU B 67 -9.70 -2.29 7.28
CA GLU B 67 -10.84 -2.75 8.09
C GLU B 67 -10.39 -3.32 9.43
N ALA B 68 -9.35 -4.16 9.40
CA ALA B 68 -8.86 -4.80 10.63
C ALA B 68 -8.19 -3.79 11.57
N CYS B 69 -7.35 -2.92 11.02
CA CYS B 69 -6.81 -1.81 11.80
C CYS B 69 -7.92 -1.03 12.48
N LYS B 70 -8.92 -0.62 11.70
CA LYS B 70 -10.02 0.18 12.24
C LYS B 70 -10.81 -0.60 13.27
N ALA B 71 -11.04 -1.91 13.03
CA ALA B 71 -11.86 -2.71 13.95
C ALA B 71 -11.11 -2.97 15.25
N LEU B 72 -9.84 -3.30 15.16
CA LEU B 72 -8.99 -3.61 16.30
C LEU B 72 -8.53 -2.37 17.06
N GLY B 73 -8.75 -1.17 16.54
CA GLY B 73 -8.19 0.03 17.15
C GLY B 73 -6.68 0.07 17.26
N THR B 74 -5.94 -0.51 16.30
CA THR B 74 -4.49 -0.49 16.34
C THR B 74 -3.93 -0.60 14.92
N TRP B 75 -2.79 0.04 14.68
CA TRP B 75 -2.13 -0.08 13.38
C TRP B 75 -1.36 -1.39 13.24
N ARG B 76 -1.10 -2.08 14.35
CA ARG B 76 -0.24 -3.26 14.41
C ARG B 76 -1.13 -4.50 14.46
N LEU B 77 -1.16 -5.25 13.36
CA LEU B 77 -1.98 -6.47 13.27
C LEU B 77 -1.15 -7.70 13.63
N GLU B 78 -0.68 -7.71 14.88
CA GLU B 78 0.16 -8.80 15.36
C GLU B 78 -0.60 -10.11 15.31
N GLY B 79 0.08 -11.17 14.86
CA GLY B 79 -0.48 -12.50 14.78
C GLY B 79 -1.46 -12.72 13.65
N ALA B 80 -1.64 -11.75 12.77
CA ALA B 80 -2.67 -11.85 11.74
C ALA B 80 -2.16 -12.64 10.55
N THR B 81 -3.06 -13.40 9.94
CA THR B 81 -2.75 -14.07 8.68
C THR B 81 -3.63 -13.49 7.59
N LEU B 82 -3.02 -13.15 6.47
CA LEU B 82 -3.73 -12.62 5.32
C LEU B 82 -3.85 -13.70 4.25
N TYR B 83 -5.09 -13.99 3.83
CA TYR B 83 -5.37 -14.91 2.72
C TYR B 83 -5.83 -14.08 1.54
N VAL B 84 -5.10 -14.16 0.44
CA VAL B 84 -5.47 -13.42 -0.76
C VAL B 84 -5.27 -14.37 -1.93
N THR B 85 -6.20 -14.32 -2.90
CA THR B 85 -6.19 -15.29 -3.99
C THR B 85 -4.99 -15.14 -4.91
N LEU B 86 -4.37 -13.98 -4.95
CA LEU B 86 -3.30 -13.70 -5.89
C LEU B 86 -2.14 -13.04 -5.15
N GLU B 87 -0.93 -13.31 -5.61
CA GLU B 87 0.27 -12.80 -4.99
C GLU B 87 0.20 -11.26 -4.88
N PRO B 88 0.49 -10.69 -3.71
CA PRO B 88 0.33 -9.24 -3.52
C PRO B 88 1.26 -8.40 -4.38
N CYS B 89 0.76 -7.24 -4.74
CA CYS B 89 1.53 -6.25 -5.50
C CYS B 89 2.40 -5.47 -4.52
N PRO B 90 3.26 -4.56 -5.00
CA PRO B 90 4.13 -3.83 -4.05
C PRO B 90 3.38 -2.95 -3.06
N MET B 91 2.23 -2.39 -3.45
CA MET B 91 1.49 -1.54 -2.50
C MET B 91 1.00 -2.37 -1.33
N CYS B 92 0.50 -3.58 -1.62
CA CYS B 92 -0.11 -4.42 -0.59
C CYS B 92 0.94 -5.14 0.24
N ALA B 93 2.04 -5.57 -0.41
CA ALA B 93 3.15 -6.15 0.33
C ALA B 93 3.72 -5.14 1.31
N GLY B 94 3.92 -3.90 0.85
CA GLY B 94 4.29 -2.84 1.78
C GLY B 94 3.30 -2.68 2.91
N ALA B 95 2.00 -2.76 2.61
CA ALA B 95 1.04 -2.59 3.69
C ALA B 95 1.07 -3.78 4.65
N VAL B 96 1.31 -4.99 4.14
CA VAL B 96 1.55 -6.13 5.02
C VAL B 96 2.71 -5.85 5.96
N VAL B 97 3.83 -5.36 5.41
CA VAL B 97 5.04 -5.13 6.20
C VAL B 97 4.80 -4.07 7.26
N LEU B 98 4.12 -2.98 6.88
CA LEU B 98 3.87 -1.90 7.84
C LEU B 98 2.95 -2.32 8.97
N SER B 99 2.00 -3.22 8.72
CA SER B 99 1.05 -3.62 9.76
C SER B 99 1.52 -4.82 10.57
N ARG B 100 2.74 -5.31 10.32
CA ARG B 100 3.27 -6.49 10.99
C ARG B 100 2.34 -7.70 10.89
N VAL B 101 1.68 -7.85 9.72
CA VAL B 101 0.94 -9.09 9.47
C VAL B 101 1.91 -10.26 9.55
N GLU B 102 1.54 -11.28 10.33
CA GLU B 102 2.48 -12.37 10.60
C GLU B 102 2.71 -13.25 9.38
N LYS B 103 1.64 -13.56 8.64
CA LYS B 103 1.78 -14.53 7.57
C LYS B 103 0.84 -14.14 6.43
N VAL B 104 1.29 -14.35 5.21
CA VAL B 104 0.48 -14.16 4.02
C VAL B 104 0.36 -15.50 3.33
N VAL B 105 -0.88 -15.95 3.14
CA VAL B 105 -1.16 -17.13 2.33
C VAL B 105 -1.81 -16.66 1.03
N PHE B 106 -1.19 -16.98 -0.11
CA PHE B 106 -1.79 -16.60 -1.38
C PHE B 106 -1.88 -17.79 -2.31
N GLY B 107 -2.81 -17.68 -3.27
CA GLY B 107 -3.10 -18.77 -4.16
C GLY B 107 -2.19 -18.80 -5.37
N ALA B 108 -2.47 -17.97 -6.35
CA ALA B 108 -1.79 -17.97 -7.63
C ALA B 108 -0.71 -16.91 -7.67
N PHE B 109 0.36 -17.19 -8.40
CA PHE B 109 1.39 -16.19 -8.61
C PHE B 109 0.93 -15.18 -9.65
N ASP B 110 1.41 -13.95 -9.51
CA ASP B 110 1.17 -12.92 -10.51
C ASP B 110 2.44 -12.81 -11.35
N PRO B 111 2.48 -13.36 -12.57
CA PRO B 111 3.74 -13.34 -13.34
C PRO B 111 4.16 -11.95 -13.77
N LYS B 112 3.21 -11.01 -13.82
CA LYS B 112 3.44 -9.65 -14.31
C LYS B 112 3.75 -8.64 -13.21
N GLY B 113 3.15 -8.77 -12.02
CA GLY B 113 3.31 -7.76 -11.00
C GLY B 113 3.52 -8.24 -9.59
N GLY B 114 3.66 -9.55 -9.39
CA GLY B 114 3.75 -10.09 -8.05
C GLY B 114 5.04 -9.65 -7.36
N CYS B 115 4.91 -9.18 -6.13
CA CYS B 115 6.03 -8.72 -5.31
C CYS B 115 6.11 -9.46 -3.99
N SER B 116 5.62 -10.70 -3.98
CA SER B 116 5.80 -11.62 -2.87
C SER B 116 6.38 -12.93 -3.39
N GLY B 117 7.22 -12.84 -4.43
CA GLY B 117 7.93 -14.00 -4.92
C GLY B 117 8.37 -13.90 -6.37
N THR B 118 7.59 -13.23 -7.22
CA THR B 118 7.88 -13.26 -8.65
C THR B 118 8.91 -12.22 -9.08
N LEU B 119 8.51 -10.94 -9.17
CA LEU B 119 9.47 -9.90 -9.57
C LEU B 119 10.48 -9.64 -8.47
N MET B 120 10.09 -9.88 -7.23
CA MET B 120 10.78 -9.48 -6.02
C MET B 120 9.99 -10.10 -4.88
N ASN B 121 10.49 -9.94 -3.64
CA ASN B 121 9.74 -10.42 -2.48
C ASN B 121 9.84 -9.40 -1.34
N LEU B 122 8.97 -8.39 -1.41
CA LEU B 122 8.95 -7.38 -0.36
C LEU B 122 8.55 -7.95 1.00
N LEU B 123 8.05 -9.18 1.06
CA LEU B 123 7.61 -9.75 2.32
C LEU B 123 8.74 -10.37 3.12
N GLN B 124 9.88 -10.59 2.48
CA GLN B 124 11.02 -11.30 3.07
C GLN B 124 12.28 -10.46 2.90
N GLU B 125 12.15 -9.17 3.18
CA GLU B 125 13.22 -8.20 2.96
C GLU B 125 13.94 -8.00 4.29
N GLU B 126 15.16 -8.55 4.40
CA GLU B 126 15.98 -8.33 5.58
C GLU B 126 16.07 -6.84 5.93
N ARG B 127 16.25 -5.99 4.92
CA ARG B 127 16.44 -4.58 5.18
C ARG B 127 15.17 -3.87 5.66
N PHE B 128 14.02 -4.56 5.68
CA PHE B 128 12.83 -3.97 6.26
C PHE B 128 12.74 -4.36 7.72
N ASN B 129 11.94 -3.61 8.46
CA ASN B 129 11.75 -3.85 9.89
C ASN B 129 10.87 -5.06 10.19
N HIS B 130 10.35 -5.75 9.19
CA HIS B 130 9.41 -6.83 9.45
C HIS B 130 9.33 -7.74 8.23
N GLN B 131 9.31 -9.06 8.47
CA GLN B 131 9.13 -10.04 7.42
C GLN B 131 7.92 -10.89 7.73
N ALA B 132 7.14 -11.20 6.70
CA ALA B 132 5.98 -12.06 6.84
C ALA B 132 6.31 -13.45 6.33
N GLU B 133 5.81 -14.46 7.04
CA GLU B 133 5.88 -15.83 6.52
C GLU B 133 4.97 -15.94 5.30
N VAL B 134 5.49 -16.52 4.22
CA VAL B 134 4.76 -16.57 2.96
C VAL B 134 4.47 -18.02 2.63
N VAL B 135 3.22 -18.30 2.27
CA VAL B 135 2.80 -19.61 1.79
C VAL B 135 2.08 -19.40 0.48
N SER B 136 2.58 -20.01 -0.59
CA SER B 136 2.02 -19.86 -1.93
C SER B 136 1.34 -21.15 -2.39
N GLY B 137 0.56 -21.01 -3.45
CA GLY B 137 -0.05 -22.15 -4.11
C GLY B 137 -1.30 -22.73 -3.47
N VAL B 138 -1.89 -22.10 -2.47
CA VAL B 138 -3.06 -22.69 -1.82
C VAL B 138 -4.28 -22.51 -2.72
N LEU B 139 -4.86 -23.62 -3.18
CA LEU B 139 -5.92 -23.62 -4.19
C LEU B 139 -5.50 -22.84 -5.43
N GLU B 140 -4.24 -23.06 -5.84
CA GLU B 140 -3.62 -22.33 -6.93
C GLU B 140 -4.46 -22.33 -8.19
N GLU B 141 -4.96 -23.51 -8.57
CA GLU B 141 -5.64 -23.64 -9.86
C GLU B 141 -6.91 -22.82 -9.92
N GLU B 142 -7.75 -22.90 -8.86
CA GLU B 142 -8.97 -22.11 -8.81
C GLU B 142 -8.68 -20.60 -8.80
N CYS B 143 -7.71 -20.15 -8.01
CA CYS B 143 -7.38 -18.73 -7.93
C CYS B 143 -6.82 -18.20 -9.25
N GLY B 144 -5.82 -18.89 -9.81
CA GLY B 144 -5.28 -18.46 -11.09
C GLY B 144 -6.28 -18.59 -12.22
N GLY B 145 -7.22 -19.54 -12.11
CA GLY B 145 -8.16 -19.78 -13.19
C GLY B 145 -9.08 -18.60 -13.45
N MET B 146 -9.52 -17.93 -12.38
CA MET B 146 -10.31 -16.71 -12.54
C MET B 146 -9.51 -15.61 -13.22
N LEU B 147 -8.28 -15.40 -12.78
CA LEU B 147 -7.47 -14.35 -13.39
C LEU B 147 -7.28 -14.63 -14.86
N SER B 148 -6.92 -15.87 -15.20
CA SER B 148 -6.66 -16.18 -16.61
C SER B 148 -7.93 -16.08 -17.44
N ALA B 149 -9.08 -16.43 -16.86
CA ALA B 149 -10.36 -16.19 -17.54
C ALA B 149 -10.58 -14.70 -17.78
N PHE B 150 -10.35 -13.90 -16.74
CA PHE B 150 -10.54 -12.46 -16.86
C PHE B 150 -9.64 -11.89 -17.96
N PHE B 151 -8.37 -12.27 -17.98
CA PHE B 151 -7.44 -11.69 -18.96
C PHE B 151 -7.55 -12.34 -20.33
N ARG B 152 -8.15 -13.54 -20.43
CA ARG B 152 -8.44 -14.10 -21.74
C ARG B 152 -9.60 -13.35 -22.40
N GLU B 153 -10.68 -13.11 -21.65
CA GLU B 153 -11.79 -12.32 -22.18
C GLU B 153 -11.33 -10.91 -22.55
N LEU B 154 -10.36 -10.34 -21.81
CA LEU B 154 -9.82 -9.04 -22.15
C LEU B 154 -9.13 -9.08 -23.51
N ARG B 155 -8.28 -10.09 -23.73
CA ARG B 155 -7.64 -10.26 -25.03
C ARG B 155 -8.66 -10.30 -26.16
N LYS B 156 -9.68 -11.13 -26.03
CA LYS B 156 -10.79 -11.15 -26.97
C LYS B 156 -11.65 -9.87 -26.84
ZN ZN C . 4.55 5.24 3.02
C1 GOL D . 16.37 7.92 11.66
O1 GOL D . 17.76 7.80 11.51
C2 GOL D . 16.10 9.38 12.09
O2 GOL D . 15.21 10.10 11.23
C3 GOL D . 15.64 9.28 13.56
O3 GOL D . 15.84 10.55 14.12
ZN ZN E . -2.19 -4.64 -4.34
C1 GOL F . -7.15 -3.11 -10.92
O1 GOL F . -8.34 -3.18 -10.19
C2 GOL F . -5.95 -3.23 -9.93
O2 GOL F . -5.79 -4.52 -9.47
C3 GOL F . -4.67 -2.70 -10.70
O3 GOL F . -4.44 -3.53 -11.82
#